data_3GT2
#
_entry.id   3GT2
#
_cell.length_a   34.715
_cell.length_b   53.212
_cell.length_c   38.325
_cell.angle_alpha   90.00
_cell.angle_beta   102.95
_cell.angle_gamma   90.00
#
_symmetry.space_group_name_H-M   'P 1 21 1'
#
loop_
_entity.id
_entity.type
_entity.pdbx_description
1 polymer 'Putative uncharacterized protein'
2 non-polymer 'SULFATE ION'
3 non-polymer 1,2-ETHANEDIOL
4 water water
#
_entity_poly.entity_id   1
_entity_poly.type   'polypeptide(L)'
_entity_poly.pdbx_seq_one_letter_code
;ATADPGVRA(MSE)DYQQATDVVIARGLSQRGVPFSWAGGGINGPTRGTGTGANTVGFDASGL(MSE)QYAYAGAGIKLP
RSSGA(MSE)YRVGQKILPQQARKGDLIFYGPEGTQSVA(MSE)YLGNNQ(MSE)LEVGDVVQVSPVRTAG(MSE)APY
(MSE)VRVLGT
;
_entity_poly.pdbx_strand_id   A
#
loop_
_chem_comp.id
_chem_comp.type
_chem_comp.name
_chem_comp.formula
EDO non-polymer 1,2-ETHANEDIOL 'C2 H6 O2'
SO4 non-polymer 'SULFATE ION' 'O4 S -2'
#
# COMPACT_ATOMS: atom_id res chain seq x y z
N GLY A 6 18.82 -7.88 -17.45
CA GLY A 6 19.03 -6.49 -17.08
C GLY A 6 17.79 -5.63 -17.24
N VAL A 7 17.00 -5.94 -18.26
CA VAL A 7 15.75 -5.22 -18.51
C VAL A 7 14.76 -5.53 -17.40
N ARG A 8 14.81 -6.77 -16.90
CA ARG A 8 14.01 -7.18 -15.77
C ARG A 8 14.27 -6.25 -14.58
N ALA A 9 15.54 -6.06 -14.24
CA ALA A 9 15.91 -5.17 -13.15
C ALA A 9 15.48 -3.73 -13.40
N MSE A 10 15.70 -3.23 -14.62
CA MSE A 10 15.30 -1.86 -14.96
C MSE A 10 13.79 -1.68 -14.88
O MSE A 10 13.31 -0.70 -14.32
CB MSE A 10 15.79 -1.47 -16.35
CG MSE A 10 15.43 -0.04 -16.71
SE MSE A 10 16.05 0.45 -18.51
CE MSE A 10 15.07 -0.88 -19.55
N ASP A 11 13.04 -2.63 -15.43
CA ASP A 11 11.58 -2.54 -15.39
C ASP A 11 11.07 -2.53 -13.95
N TYR A 12 11.65 -3.39 -13.13
CA TYR A 12 11.33 -3.45 -11.71
C TYR A 12 11.60 -2.10 -11.04
N GLN A 13 12.79 -1.56 -11.27
CA GLN A 13 13.16 -0.27 -10.71
C GLN A 13 12.27 0.86 -11.22
N GLN A 14 11.97 0.82 -12.51
CA GLN A 14 11.11 1.83 -13.11
C GLN A 14 9.70 1.76 -12.55
N ALA A 15 9.17 0.53 -12.44
CA ALA A 15 7.83 0.35 -11.87
C ALA A 15 7.79 0.83 -10.43
N THR A 16 8.79 0.43 -9.65
CA THR A 16 8.85 0.82 -8.25
C THR A 16 8.82 2.34 -8.08
N ASP A 17 9.58 3.05 -8.92
CA ASP A 17 9.62 4.50 -8.89
C ASP A 17 8.28 5.15 -9.24
N VAL A 18 7.59 4.60 -10.23
CA VAL A 18 6.28 5.11 -10.62
C VAL A 18 5.26 4.95 -9.49
N VAL A 19 5.28 3.79 -8.85
CA VAL A 19 4.32 3.48 -7.80
C VAL A 19 4.56 4.35 -6.57
N ILE A 20 5.82 4.53 -6.21
CA ILE A 20 6.16 5.40 -5.09
C ILE A 20 5.76 6.84 -5.37
N ALA A 21 6.08 7.34 -6.57
CA ALA A 21 5.66 8.68 -6.97
C ALA A 21 4.13 8.85 -6.86
N ARG A 22 3.37 7.88 -7.34
CA ARG A 22 1.91 7.99 -7.30
C ARG A 22 1.37 8.00 -5.87
N GLY A 23 1.91 7.11 -5.03
CA GLY A 23 1.49 7.05 -3.65
C GLY A 23 1.80 8.35 -2.94
N LEU A 24 3.02 8.84 -3.10
CA LEU A 24 3.44 10.08 -2.46
C LEU A 24 2.60 11.28 -2.88
N SER A 25 2.07 11.25 -4.10
CA SER A 25 1.26 12.36 -4.62
C SER A 25 -0.06 12.51 -3.86
N GLN A 26 -0.41 11.49 -3.09
CA GLN A 26 -1.67 11.49 -2.33
C GLN A 26 -1.49 11.89 -0.86
N ARG A 27 -0.29 12.28 -0.47
CA ARG A 27 -0.07 12.72 0.91
C ARG A 27 -1.08 13.80 1.30
N GLY A 28 -1.68 13.67 2.47
CA GLY A 28 -2.65 14.64 2.93
C GLY A 28 -4.10 14.28 2.67
N VAL A 29 -4.34 13.33 1.76
CA VAL A 29 -5.72 12.93 1.50
C VAL A 29 -6.24 12.24 2.75
N PRO A 30 -7.46 12.57 3.18
CA PRO A 30 -7.98 12.04 4.45
C PRO A 30 -8.29 10.56 4.41
N PHE A 31 -8.22 9.90 5.56
CA PHE A 31 -8.75 8.56 5.71
C PHE A 31 -10.24 8.55 5.48
N SER A 32 -10.70 7.57 4.71
CA SER A 32 -12.12 7.27 4.62
C SER A 32 -12.34 5.77 4.63
N TRP A 33 -13.12 5.32 5.59
CA TRP A 33 -13.38 3.91 5.73
C TRP A 33 -13.93 3.33 4.43
N ALA A 34 -13.16 2.42 3.83
CA ALA A 34 -13.53 1.77 2.58
C ALA A 34 -13.50 2.74 1.39
N GLY A 35 -12.76 3.83 1.52
CA GLY A 35 -12.70 4.82 0.45
C GLY A 35 -11.60 4.59 -0.56
N GLY A 36 -11.88 4.93 -1.82
CA GLY A 36 -10.84 5.00 -2.83
C GLY A 36 -10.56 3.70 -3.54
N GLY A 37 -9.70 3.78 -4.56
CA GLY A 37 -9.39 2.63 -5.36
C GLY A 37 -8.52 3.04 -6.52
N ILE A 38 -8.50 2.20 -7.54
CA ILE A 38 -7.61 2.37 -8.69
C ILE A 38 -7.62 3.76 -9.30
N ASN A 39 -8.76 4.43 -9.28
CA ASN A 39 -8.89 5.71 -9.97
C ASN A 39 -8.67 6.92 -9.07
N GLY A 40 -8.48 6.68 -7.79
CA GLY A 40 -8.26 7.75 -6.83
C GLY A 40 -9.17 7.63 -5.63
N PRO A 41 -9.17 8.66 -4.78
CA PRO A 41 -9.96 8.69 -3.55
C PRO A 41 -11.44 8.75 -3.90
N THR A 42 -12.27 8.15 -3.06
CA THR A 42 -13.73 8.20 -3.24
C THR A 42 -14.41 8.19 -1.88
N ARG A 43 -15.74 8.39 -1.87
CA ARG A 43 -16.47 8.17 -0.62
C ARG A 43 -16.35 6.70 -0.21
N GLY A 44 -16.40 6.46 1.09
CA GLY A 44 -16.37 5.09 1.60
C GLY A 44 -17.75 4.63 1.98
N THR A 45 -17.80 3.71 2.95
CA THR A 45 -19.08 3.22 3.44
C THR A 45 -19.17 3.36 4.96
N GLY A 46 -20.39 3.30 5.49
CA GLY A 46 -20.57 3.41 6.93
C GLY A 46 -20.04 4.72 7.47
N THR A 47 -19.07 4.62 8.38
CA THR A 47 -18.44 5.80 8.94
C THR A 47 -17.77 6.67 7.87
N GLY A 48 -17.50 6.09 6.70
CA GLY A 48 -16.86 6.85 5.64
C GLY A 48 -17.77 7.30 4.52
N ALA A 49 -19.07 7.02 4.66
CA ALA A 49 -20.04 7.28 3.60
C ALA A 49 -20.03 8.72 3.09
N ASN A 50 -19.65 9.66 3.94
CA ASN A 50 -19.73 11.07 3.61
C ASN A 50 -18.37 11.74 3.48
N THR A 51 -17.31 10.94 3.40
CA THR A 51 -15.94 11.43 3.31
C THR A 51 -15.22 10.89 2.08
N VAL A 52 -14.71 11.78 1.25
CA VAL A 52 -13.87 11.38 0.12
C VAL A 52 -12.45 11.14 0.61
N GLY A 53 -11.92 9.95 0.36
CA GLY A 53 -10.57 9.69 0.80
C GLY A 53 -10.10 8.28 0.45
N PHE A 54 -9.09 7.82 1.18
CA PHE A 54 -8.58 6.47 0.99
C PHE A 54 -8.65 5.69 2.29
N ASP A 55 -8.87 4.37 2.19
CA ASP A 55 -8.39 3.48 3.24
C ASP A 55 -7.10 2.84 2.72
N ALA A 56 -6.46 2.01 3.53
CA ALA A 56 -5.15 1.45 3.17
C ALA A 56 -5.18 0.67 1.85
N SER A 57 -6.17 -0.20 1.72
CA SER A 57 -6.36 -0.98 0.50
C SER A 57 -6.52 -0.09 -0.73
N GLY A 58 -7.37 0.94 -0.61
CA GLY A 58 -7.67 1.82 -1.74
C GLY A 58 -6.43 2.56 -2.20
N LEU A 59 -5.61 2.99 -1.26
CA LEU A 59 -4.42 3.72 -1.62
C LEU A 59 -3.40 2.83 -2.36
N MSE A 60 -3.26 1.59 -1.89
CA MSE A 60 -2.36 0.67 -2.56
C MSE A 60 -2.85 0.42 -3.99
O MSE A 60 -2.06 0.38 -4.94
CB MSE A 60 -2.23 -0.66 -1.81
CG MSE A 60 -1.77 -0.56 -0.36
SE MSE A 60 0.03 0.19 -0.14
CE MSE A 60 -0.43 1.95 0.53
N GLN A 61 -4.16 0.24 -4.15
CA GLN A 61 -4.69 -0.02 -5.48
C GLN A 61 -4.37 1.14 -6.39
N TYR A 62 -4.57 2.36 -5.90
CA TYR A 62 -4.27 3.56 -6.69
C TYR A 62 -2.80 3.61 -7.09
N ALA A 63 -1.91 3.44 -6.13
CA ALA A 63 -0.48 3.59 -6.39
C ALA A 63 0.02 2.55 -7.39
N TYR A 64 -0.30 1.29 -7.13
CA TYR A 64 0.19 0.20 -7.99
C TYR A 64 -0.41 0.19 -9.39
N ALA A 65 -1.57 0.81 -9.57
CA ALA A 65 -2.18 0.88 -10.90
C ALA A 65 -1.26 1.56 -11.90
N GLY A 66 -0.38 2.44 -11.41
CA GLY A 66 0.58 3.13 -12.26
C GLY A 66 1.58 2.22 -12.95
N ALA A 67 1.83 1.05 -12.37
CA ALA A 67 2.75 0.08 -12.95
C ALA A 67 2.04 -0.96 -13.79
N GLY A 68 0.75 -0.74 -14.04
CA GLY A 68 -0.05 -1.66 -14.84
C GLY A 68 -0.42 -2.90 -14.05
N ILE A 69 -0.63 -2.72 -12.75
CA ILE A 69 -1.04 -3.79 -11.86
C ILE A 69 -2.37 -3.44 -11.23
N LYS A 70 -3.31 -4.38 -11.25
CA LYS A 70 -4.56 -4.23 -10.52
C LYS A 70 -4.53 -5.13 -9.29
N LEU A 71 -4.31 -4.52 -8.12
CA LEU A 71 -4.27 -5.29 -6.89
C LEU A 71 -5.67 -5.68 -6.46
N PRO A 72 -5.79 -6.82 -5.76
CA PRO A 72 -7.07 -7.19 -5.15
C PRO A 72 -7.52 -6.15 -4.13
N ARG A 73 -8.83 -6.07 -3.95
CA ARG A 73 -9.39 -5.27 -2.88
C ARG A 73 -9.18 -6.05 -1.59
N SER A 74 -8.86 -5.33 -0.53
CA SER A 74 -8.61 -5.87 0.81
C SER A 74 -7.15 -6.24 1.05
N SER A 75 -6.62 -5.79 2.18
CA SER A 75 -5.26 -6.14 2.54
C SER A 75 -5.08 -7.66 2.69
N GLY A 76 -6.11 -8.33 3.21
CA GLY A 76 -6.06 -9.78 3.37
C GLY A 76 -5.87 -10.52 2.05
N ALA A 77 -6.45 -9.98 0.98
CA ALA A 77 -6.29 -10.58 -0.34
C ALA A 77 -4.94 -10.23 -0.96
N MSE A 78 -4.45 -9.03 -0.70
CA MSE A 78 -3.12 -8.65 -1.20
C MSE A 78 -2.05 -9.54 -0.58
O MSE A 78 -1.03 -9.83 -1.20
CB MSE A 78 -2.82 -7.19 -0.90
CG MSE A 78 -3.66 -6.21 -1.67
SE MSE A 78 -3.42 -4.38 -1.04
CE MSE A 78 -4.81 -3.56 -2.10
N TYR A 79 -2.27 -9.96 0.66
CA TYR A 79 -1.32 -10.79 1.39
C TYR A 79 -1.17 -12.15 0.70
N ARG A 80 -2.12 -12.48 -0.16
CA ARG A 80 -2.13 -13.80 -0.79
C ARG A 80 -1.71 -13.78 -2.26
N VAL A 81 -1.18 -12.65 -2.72
CA VAL A 81 -0.64 -12.59 -4.07
C VAL A 81 0.85 -12.29 -4.03
N GLY A 82 1.50 -12.39 -5.18
CA GLY A 82 2.91 -12.06 -5.27
C GLY A 82 3.82 -13.02 -4.54
N GLN A 83 4.99 -12.51 -4.17
CA GLN A 83 6.03 -13.30 -3.55
C GLN A 83 6.18 -12.89 -2.09
N LYS A 84 6.13 -13.86 -1.18
CA LYS A 84 6.34 -13.58 0.22
C LYS A 84 7.81 -13.23 0.46
N ILE A 85 8.05 -12.18 1.23
CA ILE A 85 9.40 -11.68 1.49
C ILE A 85 9.69 -11.64 2.99
N LEU A 86 10.89 -12.08 3.39
CA LEU A 86 11.36 -11.86 4.75
C LEU A 86 11.59 -10.37 4.97
N PRO A 87 11.12 -9.84 6.11
CA PRO A 87 11.30 -8.41 6.35
C PRO A 87 12.76 -7.96 6.30
N GLN A 88 13.70 -8.87 6.62
CA GLN A 88 15.11 -8.50 6.58
C GLN A 88 15.60 -8.31 5.14
N GLN A 89 14.79 -8.72 4.18
CA GLN A 89 15.15 -8.60 2.78
C GLN A 89 14.22 -7.64 2.03
N ALA A 90 13.55 -6.80 2.80
CA ALA A 90 12.59 -5.85 2.24
C ALA A 90 13.28 -4.85 1.31
N ARG A 91 12.58 -4.50 0.23
CA ARG A 91 13.05 -3.45 -0.69
C ARG A 91 11.93 -2.44 -0.85
N LYS A 92 12.27 -1.20 -1.21
CA LYS A 92 11.21 -0.21 -1.44
C LYS A 92 10.24 -0.74 -2.49
N GLY A 93 8.95 -0.51 -2.27
CA GLY A 93 7.91 -1.02 -3.14
C GLY A 93 7.25 -2.29 -2.61
N ASP A 94 7.89 -2.95 -1.64
CA ASP A 94 7.31 -4.13 -1.02
C ASP A 94 6.16 -3.70 -0.10
N LEU A 95 5.18 -4.59 0.08
CA LEU A 95 4.03 -4.30 0.93
C LEU A 95 4.22 -4.87 2.33
N ILE A 96 3.85 -4.08 3.34
CA ILE A 96 3.93 -4.45 4.76
C ILE A 96 2.50 -4.62 5.27
N PHE A 97 2.25 -5.66 6.05
CA PHE A 97 0.86 -5.97 6.44
C PHE A 97 0.69 -6.00 7.95
N TYR A 98 -0.56 -5.78 8.40
CA TYR A 98 -0.89 -5.77 9.81
C TYR A 98 -2.08 -6.65 10.10
N GLY A 99 -2.06 -7.30 11.27
CA GLY A 99 -3.14 -8.16 11.68
C GLY A 99 -2.90 -9.59 11.25
N PRO A 100 -3.69 -10.52 11.82
CA PRO A 100 -3.68 -11.95 11.48
C PRO A 100 -3.89 -12.16 9.98
N GLU A 101 -2.93 -12.80 9.32
CA GLU A 101 -3.00 -12.98 7.88
C GLU A 101 -3.15 -11.65 7.12
N GLY A 102 -2.64 -10.58 7.72
CA GLY A 102 -2.59 -9.28 7.05
C GLY A 102 -3.95 -8.66 6.81
N THR A 103 -4.95 -9.05 7.59
CA THR A 103 -6.31 -8.57 7.33
C THR A 103 -6.67 -7.22 7.93
N GLN A 104 -5.79 -6.65 8.76
CA GLN A 104 -6.13 -5.37 9.39
C GLN A 104 -5.74 -4.16 8.54
N SER A 105 -4.55 -4.19 7.96
CA SER A 105 -4.12 -3.05 7.15
C SER A 105 -2.89 -3.39 6.33
N VAL A 106 -2.47 -2.44 5.51
CA VAL A 106 -1.36 -2.63 4.61
C VAL A 106 -0.69 -1.28 4.39
N ALA A 107 0.59 -1.28 4.08
CA ALA A 107 1.33 -0.04 3.80
C ALA A 107 2.47 -0.34 2.83
N MSE A 108 3.02 0.69 2.21
CA MSE A 108 4.08 0.51 1.23
C MSE A 108 5.43 0.88 1.81
O MSE A 108 5.63 1.98 2.33
CB MSE A 108 3.79 1.40 0.01
CG MSE A 108 4.89 1.33 -1.05
SE MSE A 108 4.65 2.77 -2.40
CE MSE A 108 4.52 4.31 -1.20
N TYR A 109 6.39 -0.05 1.75
CA TYR A 109 7.73 0.25 2.21
C TYR A 109 8.44 1.22 1.26
N LEU A 110 9.10 2.22 1.83
CA LEU A 110 9.79 3.25 1.04
C LEU A 110 11.30 3.17 1.19
N GLY A 111 11.77 2.20 1.96
CA GLY A 111 13.17 2.07 2.29
C GLY A 111 13.52 2.89 3.53
N ASN A 112 14.67 2.58 4.11
CA ASN A 112 15.14 3.23 5.33
C ASN A 112 14.08 3.39 6.41
N ASN A 113 13.38 2.30 6.71
CA ASN A 113 12.40 2.28 7.80
C ASN A 113 11.27 3.31 7.65
N GLN A 114 10.94 3.66 6.41
CA GLN A 114 9.82 4.55 6.09
C GLN A 114 8.73 3.78 5.37
N MSE A 115 7.48 4.12 5.63
CA MSE A 115 6.39 3.51 4.87
C MSE A 115 5.34 4.55 4.57
O MSE A 115 5.18 5.52 5.29
CB MSE A 115 5.79 2.31 5.62
CG MSE A 115 5.16 2.65 6.93
SE MSE A 115 4.52 1.04 7.89
CE MSE A 115 3.49 1.98 9.23
N LEU A 116 4.65 4.33 3.45
CA LEU A 116 3.51 5.15 3.11
C LEU A 116 2.27 4.45 3.62
N GLU A 117 1.53 5.12 4.50
CA GLU A 117 0.37 4.52 5.12
C GLU A 117 -0.79 5.50 5.12
N VAL A 118 -1.96 5.01 5.50
CA VAL A 118 -3.07 5.91 5.77
C VAL A 118 -3.29 5.99 7.28
N GLY A 119 -2.99 7.15 7.86
CA GLY A 119 -3.31 7.42 9.24
C GLY A 119 -4.60 8.19 9.24
N ASP A 120 -4.63 9.33 9.91
CA ASP A 120 -5.76 10.23 9.78
C ASP A 120 -5.76 10.79 8.35
N VAL A 121 -4.57 10.84 7.76
CA VAL A 121 -4.41 11.18 6.35
C VAL A 121 -3.31 10.30 5.76
N VAL A 122 -3.23 10.26 4.43
CA VAL A 122 -2.10 9.60 3.76
C VAL A 122 -0.81 10.27 4.20
N GLN A 123 0.13 9.47 4.69
CA GLN A 123 1.35 10.04 5.25
C GLN A 123 2.52 9.08 5.18
N VAL A 124 3.73 9.64 5.23
CA VAL A 124 4.94 8.86 5.38
C VAL A 124 5.24 8.71 6.87
N SER A 125 5.35 7.46 7.32
CA SER A 125 5.56 7.15 8.73
C SER A 125 6.78 6.26 8.91
N PRO A 126 7.31 6.23 10.14
CA PRO A 126 8.31 5.19 10.44
C PRO A 126 7.63 3.84 10.37
N VAL A 127 8.37 2.79 10.03
CA VAL A 127 7.79 1.46 10.06
C VAL A 127 7.32 1.11 11.48
N ARG A 128 6.10 0.59 11.56
CA ARG A 128 5.56 0.13 12.83
C ARG A 128 5.67 -1.39 12.86
N THR A 129 6.30 -1.95 13.90
CA THR A 129 6.42 -3.39 14.00
C THR A 129 5.30 -4.03 14.81
N ALA A 130 4.65 -3.25 15.65
CA ALA A 130 3.54 -3.75 16.46
C ALA A 130 2.39 -4.24 15.58
N GLY A 131 2.05 -5.52 15.72
CA GLY A 131 0.92 -6.08 14.99
C GLY A 131 1.23 -6.41 13.55
N MSE A 132 2.50 -6.30 13.18
CA MSE A 132 2.91 -6.54 11.81
C MSE A 132 2.84 -8.05 11.50
O MSE A 132 3.15 -8.88 12.35
CB MSE A 132 4.33 -6.00 11.60
CG MSE A 132 4.74 -5.78 10.16
SE MSE A 132 6.56 -5.02 10.08
CE MSE A 132 7.48 -6.49 10.94
N ALA A 133 2.41 -8.37 10.29
CA ALA A 133 2.32 -9.76 9.84
C ALA A 133 3.74 -10.24 9.60
N PRO A 134 3.95 -11.57 9.66
CA PRO A 134 5.26 -12.22 9.60
C PRO A 134 6.03 -12.00 8.29
N TYR A 135 5.31 -11.81 7.18
CA TYR A 135 5.95 -11.65 5.89
C TYR A 135 5.55 -10.35 5.23
N MSE A 136 6.42 -9.85 4.37
CA MSE A 136 6.05 -8.80 3.46
C MSE A 136 5.79 -9.41 2.07
O MSE A 136 6.00 -10.60 1.88
CB MSE A 136 7.13 -7.72 3.42
CG MSE A 136 7.25 -7.04 4.77
SE MSE A 136 8.75 -5.84 4.94
CE MSE A 136 8.41 -4.66 3.42
N VAL A 137 5.28 -8.60 1.14
CA VAL A 137 4.90 -9.13 -0.16
C VAL A 137 5.48 -8.27 -1.27
N ARG A 138 6.11 -8.93 -2.23
CA ARG A 138 6.60 -8.24 -3.43
C ARG A 138 5.71 -8.54 -4.62
N VAL A 139 5.25 -7.50 -5.31
CA VAL A 139 4.42 -7.73 -6.49
C VAL A 139 5.06 -7.17 -7.76
N LEU A 140 6.12 -6.40 -7.60
CA LEU A 140 6.83 -5.85 -8.74
C LEU A 140 8.08 -6.66 -9.06
S SO4 B . -18.31 7.63 -4.86
O1 SO4 B . -19.73 7.94 -4.83
O2 SO4 B . -17.77 7.88 -6.20
O3 SO4 B . -17.62 8.47 -3.89
O4 SO4 B . -18.11 6.22 -4.54
S SO4 C . 16.62 -0.50 3.57
O1 SO4 C . 15.60 -1.36 4.17
O2 SO4 C . 16.05 0.31 2.50
O3 SO4 C . 17.19 0.38 4.59
O4 SO4 C . 17.68 -1.33 3.00
C1 EDO D . -9.42 -7.55 -14.45
O1 EDO D . -10.68 -7.81 -13.88
C2 EDO D . -9.38 -7.18 -15.92
O2 EDO D . -9.15 -5.83 -16.25
H11 EDO D . -8.96 -6.76 -13.89
H12 EDO D . -8.81 -8.45 -14.31
HO1 EDO D . -10.77 -7.32 -13.09
H21 EDO D . -8.60 -7.78 -16.40
H22 EDO D . -10.32 -7.46 -16.37
HO2 EDO D . -8.85 -5.78 -17.16
C1 EDO E . 18.02 10.90 0.71
O1 EDO E . 16.89 10.08 0.59
C2 EDO E . 17.83 12.41 0.65
O2 EDO E . 16.60 12.93 1.06
H11 EDO E . 18.50 10.67 1.66
H12 EDO E . 18.72 10.61 -0.07
HO1 EDO E . 16.40 10.36 -0.17
H21 EDO E . 18.61 12.86 1.25
H22 EDO E . 17.99 12.71 -0.39
HO2 EDO E . 16.69 13.87 1.20
#